data_3OH3
#
_entry.id   3OH3
#
_cell.length_a   107.161
_cell.length_b   122.508
_cell.length_c   61.061
_cell.angle_alpha   90.000
_cell.angle_beta   105.300
_cell.angle_gamma   90.000
#
_symmetry.space_group_name_H-M   'C 1 2 1'
#
loop_
_entity.id
_entity.type
_entity.pdbx_description
1 polymer 'UDP-sugar pyrophosphorylase'
2 non-polymer '[(2R,3S,4R,5R)-5-(2,4-dioxo-3,4-dihydropyrimidin-1(2H)-yl)-3,4-dihydroxytetrahydrofuran-2-yl]methyl (2S,3R,4S,5S)-3,4,5-trihydroxytetrahydro-2H-pyran-2-yl dihydrogen diphosphate'
3 non-polymer GLYCEROL
4 water water
#
_entity_poly.entity_id   1
_entity_poly.type   'polypeptide(L)'
_entity_poly.pdbx_seq_one_letter_code
;MTNPSNSNLQALREELCTPGLDQGHLFEGWPETVDECNERQIALLTDLYMFSNMYPGGVAQYIRNGHELLARESEEVDFA
ALEMPPLIFEAPSLHRRTAERTALENAGTAMLCKTVFVLVAGGLGERLGYSSIKVSLPVETATNTTYLAYYLRWAQRVGG
KEVPFVIMTSDDTHDRTLQLLRELQLEVPNLHVLKQGQVFCFADSAAHLALDETGKLLRKPHGHGDVHSLIYNATVKRDV
VPDSGDGTATAQPLVNDWLAAGYESIVFIQDTNAGATITIPISLALSAEHSLDMNFTCIPRVPKEPIGLLCRTKKNSGDP
WLVANVEYNVFAEVSRALNKDGGDEVSDPTGFSPFPGSVNTLVFKLSSYVDRLRESHGIVPEFINPKYSDETRRSFKKPA
RIESLMQDIALLFSEDDYRVGGTVFERFSYQPVKNSLEEAAGLVAQGNGAYCAATGEAAFYELQRRRLKAIGLPLFYSSQ
PEVTVAKDAFGVRLFPIIVLDTVCASSGSLDDLARVFPTPEKVHIDQHSTLIVEGRVIIESLELYGALTIRGPTDSMALP
HVVRNAVVRNAGWSVHAILSLCAGRDSRLSEVDRIRGFVLKKTAMAVMDCNTKGESEAGAPSGAADPAKLMRRLEHHHHH
H
;
_entity_poly.pdbx_strand_id   A
#
loop_
_chem_comp.id
_chem_comp.type
_chem_comp.name
_chem_comp.formula
GOL non-polymer GLYCEROL 'C3 H8 O3'
UAD non-polymer '[(2R,3S,4R,5R)-5-(2,4-dioxo-3,4-dihydropyrimidin-1(2H)-yl)-3,4-dihydroxytetrahydrofuran-2-yl]methyl (2S,3R,4S,5S)-3,4,5-trihydroxytetrahydro-2H-pyran-2-yl dihydrogen diphosphate' 'C14 H22 N2 O16 P2'
#
# COMPACT_ATOMS: atom_id res chain seq x y z
N ASN A 3 -28.12 1.97 -21.75
CA ASN A 3 -28.11 2.84 -22.92
C ASN A 3 -28.20 2.08 -24.26
N PRO A 4 -27.31 1.11 -24.47
CA PRO A 4 -27.07 0.50 -25.78
C PRO A 4 -28.34 0.11 -26.54
N SER A 5 -28.39 0.44 -27.82
CA SER A 5 -29.54 0.09 -28.65
C SER A 5 -29.49 -1.39 -29.00
N ASN A 6 -30.66 -1.97 -29.28
CA ASN A 6 -30.75 -3.35 -29.74
C ASN A 6 -29.89 -3.57 -30.97
N SER A 7 -29.72 -2.52 -31.76
CA SER A 7 -28.99 -2.61 -33.01
C SER A 7 -27.48 -2.66 -32.78
N ASN A 8 -27.02 -1.92 -31.78
CA ASN A 8 -25.60 -1.88 -31.44
C ASN A 8 -25.12 -3.15 -30.77
N LEU A 9 -26.01 -3.77 -29.99
CA LEU A 9 -25.71 -5.03 -29.34
C LEU A 9 -25.55 -6.15 -30.37
N GLN A 10 -26.39 -6.11 -31.40
CA GLN A 10 -26.30 -7.09 -32.48
C GLN A 10 -25.01 -6.89 -33.25
N ALA A 11 -24.62 -5.63 -33.43
CA ALA A 11 -23.39 -5.29 -34.14
C ALA A 11 -22.17 -5.80 -33.38
N LEU A 12 -22.17 -5.61 -32.06
CA LEU A 12 -21.07 -6.07 -31.23
C LEU A 12 -21.01 -7.59 -31.19
N ARG A 13 -22.17 -8.23 -31.06
CA ARG A 13 -22.25 -9.68 -31.07
C ARG A 13 -21.62 -10.27 -32.32
N GLU A 14 -21.99 -9.73 -33.48
CA GLU A 14 -21.45 -10.19 -34.73
C GLU A 14 -19.95 -9.88 -34.80
N GLU A 15 -19.56 -8.71 -34.31
CA GLU A 15 -18.15 -8.33 -34.33
C GLU A 15 -17.30 -9.33 -33.54
N LEU A 16 -17.80 -9.72 -32.38
CA LEU A 16 -17.06 -10.62 -31.50
C LEU A 16 -16.95 -12.04 -32.05
N CYS A 17 -17.67 -12.32 -33.13
CA CYS A 17 -17.66 -13.65 -33.75
C CYS A 17 -16.71 -13.75 -34.94
N THR A 18 -16.06 -12.64 -35.29
CA THR A 18 -15.18 -12.61 -36.45
C THR A 18 -13.80 -13.18 -36.12
N PRO A 19 -13.10 -13.69 -37.14
CA PRO A 19 -11.74 -14.21 -37.00
C PRO A 19 -10.82 -13.22 -36.27
N GLY A 20 -10.08 -13.72 -35.29
CA GLY A 20 -9.21 -12.86 -34.49
C GLY A 20 -9.85 -12.48 -33.16
N LEU A 21 -11.17 -12.58 -33.10
CA LEU A 21 -11.90 -12.34 -31.86
C LEU A 21 -12.53 -13.64 -31.39
N ASP A 22 -13.29 -14.28 -32.28
CA ASP A 22 -13.72 -15.66 -32.08
C ASP A 22 -14.35 -15.94 -30.71
N GLN A 23 -15.36 -15.16 -30.35
CA GLN A 23 -16.07 -15.38 -29.10
C GLN A 23 -17.43 -16.04 -29.36
N GLY A 24 -17.48 -16.90 -30.37
CA GLY A 24 -18.72 -17.59 -30.72
C GLY A 24 -19.30 -18.41 -29.59
N HIS A 25 -18.42 -18.98 -28.76
CA HIS A 25 -18.84 -19.82 -27.65
C HIS A 25 -19.75 -19.09 -26.65
N LEU A 26 -19.71 -17.76 -26.67
CA LEU A 26 -20.52 -16.96 -25.77
C LEU A 26 -21.99 -16.98 -26.15
N PHE A 27 -22.25 -17.07 -27.45
CA PHE A 27 -23.62 -17.01 -27.96
C PHE A 27 -24.04 -18.41 -28.39
N GLU A 28 -23.53 -19.40 -27.66
N GLU A 28 -23.51 -19.40 -27.67
CA GLU A 28 -23.84 -20.80 -27.90
CA GLU A 28 -23.85 -20.79 -27.91
C GLU A 28 -25.33 -21.07 -27.68
C GLU A 28 -25.35 -21.02 -27.68
N GLY A 29 -26.07 -21.23 -28.78
CA GLY A 29 -27.49 -21.52 -28.72
C GLY A 29 -28.42 -20.34 -28.60
N TRP A 30 -28.07 -19.24 -29.27
CA TRP A 30 -28.90 -18.03 -29.23
C TRP A 30 -29.73 -17.84 -30.50
N PRO A 31 -30.85 -17.12 -30.39
CA PRO A 31 -31.65 -16.71 -31.56
C PRO A 31 -30.83 -15.81 -32.47
N GLU A 32 -31.37 -15.48 -33.65
CA GLU A 32 -30.60 -14.79 -34.67
C GLU A 32 -30.60 -13.27 -34.54
N THR A 33 -31.56 -12.72 -33.81
CA THR A 33 -31.60 -11.28 -33.59
C THR A 33 -31.76 -10.93 -32.10
N VAL A 34 -31.62 -9.66 -31.79
CA VAL A 34 -31.65 -9.20 -30.40
C VAL A 34 -33.05 -9.32 -29.79
N ASP A 35 -34.07 -8.97 -30.56
CA ASP A 35 -35.45 -9.01 -30.10
C ASP A 35 -35.79 -10.42 -29.63
N GLU A 36 -35.35 -11.40 -30.40
CA GLU A 36 -35.63 -12.81 -30.11
C GLU A 36 -34.92 -13.29 -28.86
N CYS A 37 -33.90 -12.54 -28.43
CA CYS A 37 -33.11 -12.93 -27.28
C CYS A 37 -33.84 -12.69 -25.97
N ASN A 38 -33.57 -13.53 -24.97
CA ASN A 38 -34.18 -13.37 -23.66
C ASN A 38 -33.45 -12.33 -22.82
N GLU A 39 -33.77 -12.27 -21.53
CA GLU A 39 -33.20 -11.26 -20.64
C GLU A 39 -31.76 -11.56 -20.21
N ARG A 40 -31.47 -12.84 -19.97
CA ARG A 40 -30.10 -13.24 -19.66
C ARG A 40 -29.19 -12.82 -20.80
N GLN A 41 -29.49 -13.36 -21.98
CA GLN A 41 -28.70 -13.12 -23.18
C GLN A 41 -28.51 -11.62 -23.43
N ILE A 42 -29.60 -10.88 -23.44
CA ILE A 42 -29.52 -9.43 -23.64
C ILE A 42 -28.64 -8.77 -22.57
N ALA A 43 -28.61 -9.37 -21.39
CA ALA A 43 -27.79 -8.85 -20.29
C ALA A 43 -26.30 -9.12 -20.49
N LEU A 44 -25.97 -10.29 -21.04
CA LEU A 44 -24.56 -10.63 -21.26
C LEU A 44 -23.99 -9.75 -22.36
N LEU A 45 -24.79 -9.49 -23.39
CA LEU A 45 -24.37 -8.67 -24.52
C LEU A 45 -24.19 -7.22 -24.08
N THR A 46 -25.10 -6.76 -23.23
CA THR A 46 -25.02 -5.41 -22.67
C THR A 46 -23.76 -5.26 -21.82
N ASP A 47 -23.46 -6.31 -21.06
CA ASP A 47 -22.27 -6.35 -20.23
C ASP A 47 -21.00 -6.25 -21.08
N LEU A 48 -20.96 -6.97 -22.20
CA LEU A 48 -19.84 -6.87 -23.14
C LEU A 48 -19.78 -5.45 -23.70
N TYR A 49 -20.94 -4.90 -24.04
CA TYR A 49 -21.03 -3.60 -24.66
C TYR A 49 -20.54 -2.47 -23.76
N MET A 50 -21.02 -2.45 -22.52
CA MET A 50 -20.70 -1.35 -21.61
C MET A 50 -19.23 -1.33 -21.18
N PHE A 51 -18.49 -2.38 -21.51
CA PHE A 51 -17.08 -2.45 -21.16
C PHE A 51 -16.27 -1.33 -21.83
N SER A 52 -16.80 -0.81 -22.94
CA SER A 52 -16.16 0.30 -23.65
C SER A 52 -15.96 1.55 -22.75
N ASN A 53 -16.90 1.80 -21.86
N ASN A 53 -16.89 1.84 -21.87
CA ASN A 53 -16.81 2.92 -20.94
CA ASN A 53 -16.71 2.99 -20.98
C ASN A 53 -15.94 2.60 -19.73
C ASN A 53 -15.81 2.66 -19.79
N MET A 54 -15.22 1.48 -19.82
CA MET A 54 -14.41 1.00 -18.71
C MET A 54 -12.97 0.74 -19.16
N TYR A 55 -12.82 0.36 -20.43
CA TYR A 55 -11.54 -0.05 -20.97
C TYR A 55 -11.36 0.52 -22.38
N PRO A 56 -10.17 1.05 -22.69
CA PRO A 56 -9.92 1.67 -24.00
C PRO A 56 -10.15 0.70 -25.14
N GLY A 57 -11.16 0.98 -25.95
CA GLY A 57 -11.49 0.14 -27.10
C GLY A 57 -12.46 -0.98 -26.76
N GLY A 58 -12.96 -0.98 -25.53
CA GLY A 58 -13.93 -1.98 -25.14
C GLY A 58 -13.40 -3.40 -25.20
N VAL A 59 -14.32 -4.36 -25.31
CA VAL A 59 -13.98 -5.78 -25.19
C VAL A 59 -13.22 -6.29 -26.40
N ALA A 60 -13.48 -5.69 -27.57
CA ALA A 60 -12.77 -6.11 -28.78
C ALA A 60 -11.28 -5.81 -28.64
N GLN A 61 -10.97 -4.62 -28.13
CA GLN A 61 -9.57 -4.25 -27.96
C GLN A 61 -8.94 -5.02 -26.81
N TYR A 62 -9.75 -5.35 -25.80
CA TYR A 62 -9.26 -6.13 -24.67
C TYR A 62 -8.77 -7.50 -25.17
N ILE A 63 -9.54 -8.10 -26.08
CA ILE A 63 -9.19 -9.39 -26.64
C ILE A 63 -7.92 -9.33 -27.49
N ARG A 64 -7.84 -8.30 -28.34
CA ARG A 64 -6.63 -8.08 -29.13
C ARG A 64 -5.42 -7.88 -28.23
N ASN A 65 -5.57 -7.08 -27.17
CA ASN A 65 -4.47 -6.87 -26.23
C ASN A 65 -4.07 -8.20 -25.61
N GLY A 66 -5.07 -9.02 -25.31
CA GLY A 66 -4.84 -10.34 -24.75
C GLY A 66 -3.99 -11.19 -25.68
N HIS A 67 -4.35 -11.22 -26.96
CA HIS A 67 -3.58 -11.99 -27.94
C HIS A 67 -2.13 -11.51 -27.93
N GLU A 68 -1.96 -10.20 -27.95
CA GLU A 68 -0.61 -9.62 -28.02
C GLU A 68 0.22 -9.94 -26.79
N LEU A 69 -0.41 -9.85 -25.62
CA LEU A 69 0.27 -10.13 -24.36
C LEU A 69 0.55 -11.62 -24.16
N LEU A 70 -0.42 -12.45 -24.51
CA LEU A 70 -0.24 -13.90 -24.40
C LEU A 70 0.91 -14.38 -25.28
N ALA A 71 1.06 -13.75 -26.45
CA ALA A 71 2.19 -14.04 -27.33
C ALA A 71 3.48 -13.55 -26.68
N ARG A 72 3.42 -12.35 -26.13
CA ARG A 72 4.59 -11.74 -25.49
C ARG A 72 5.12 -12.55 -24.31
N GLU A 73 4.21 -13.02 -23.45
CA GLU A 73 4.61 -13.73 -22.24
C GLU A 73 4.95 -15.20 -22.50
N SER A 74 4.74 -15.65 -23.73
CA SER A 74 5.15 -16.99 -24.12
C SER A 74 6.65 -16.97 -24.47
N GLU A 75 7.14 -15.79 -24.79
CA GLU A 75 8.56 -15.60 -25.11
C GLU A 75 9.36 -15.38 -23.83
N GLU A 76 10.65 -15.13 -23.99
CA GLU A 76 11.52 -14.84 -22.85
C GLU A 76 11.73 -13.33 -22.71
N VAL A 77 11.21 -12.74 -21.65
CA VAL A 77 11.45 -11.33 -21.39
C VAL A 77 12.95 -11.12 -21.28
N ASP A 78 13.42 -9.97 -21.74
CA ASP A 78 14.85 -9.67 -21.68
C ASP A 78 15.11 -8.23 -22.08
N PHE A 79 16.13 -7.62 -21.48
CA PHE A 79 16.53 -6.27 -21.83
C PHE A 79 17.88 -6.31 -22.53
N ALA A 80 18.09 -5.40 -23.46
CA ALA A 80 19.39 -5.25 -24.10
C ALA A 80 20.41 -4.79 -23.07
N ALA A 81 19.95 -3.98 -22.12
CA ALA A 81 20.83 -3.44 -21.09
C ALA A 81 20.11 -3.22 -19.77
N LEU A 82 20.87 -3.32 -18.69
CA LEU A 82 20.31 -3.26 -17.34
C LEU A 82 21.45 -2.96 -16.37
N GLU A 83 21.35 -1.82 -15.69
CA GLU A 83 22.39 -1.42 -14.75
C GLU A 83 21.83 -0.52 -13.66
N MET A 84 22.70 -0.11 -12.74
CA MET A 84 22.32 0.74 -11.62
C MET A 84 21.72 2.05 -12.11
N PRO A 85 20.59 2.47 -11.52
CA PRO A 85 20.02 3.77 -11.84
C PRO A 85 21.01 4.89 -11.47
N PRO A 86 21.15 5.89 -12.36
CA PRO A 86 22.09 6.97 -12.12
C PRO A 86 21.76 7.75 -10.85
N LEU A 87 20.49 8.09 -10.66
CA LEU A 87 20.09 8.94 -9.54
C LEU A 87 19.63 8.13 -8.34
N ILE A 88 20.57 7.72 -7.50
CA ILE A 88 20.24 7.03 -6.26
C ILE A 88 20.76 7.82 -5.07
N PHE A 89 19.92 7.98 -4.06
CA PHE A 89 20.29 8.79 -2.90
C PHE A 89 20.01 8.03 -1.60
N GLU A 90 20.97 8.10 -0.68
CA GLU A 90 20.88 7.40 0.61
C GLU A 90 20.27 8.30 1.66
N ALA A 91 19.15 7.86 2.23
CA ALA A 91 18.52 8.60 3.33
C ALA A 91 19.30 8.35 4.61
N PRO A 92 19.44 9.40 5.43
CA PRO A 92 20.07 9.24 6.74
C PRO A 92 19.15 8.45 7.68
N SER A 93 19.74 7.82 8.69
CA SER A 93 18.98 6.98 9.61
C SER A 93 17.79 7.71 10.24
N LEU A 94 16.71 6.98 10.47
CA LEU A 94 15.53 7.52 11.12
C LEU A 94 15.74 7.64 12.62
N HIS A 95 16.79 7.01 13.15
CA HIS A 95 16.99 6.97 14.60
C HIS A 95 18.21 7.74 15.08
N ARG A 96 18.75 8.60 14.22
CA ARG A 96 19.84 9.50 14.61
C ARG A 96 19.46 10.92 14.26
N ARG A 97 19.44 11.79 15.26
CA ARG A 97 19.02 13.18 15.08
C ARG A 97 20.21 14.05 14.69
N THR A 98 20.75 13.81 13.50
CA THR A 98 21.85 14.60 12.96
C THR A 98 21.33 15.90 12.34
N ALA A 99 22.24 16.81 12.00
CA ALA A 99 21.86 18.04 11.34
C ALA A 99 21.16 17.77 10.01
N GLU A 100 21.68 16.80 9.27
CA GLU A 100 21.11 16.45 7.97
C GLU A 100 19.68 15.90 8.13
N ARG A 101 19.49 15.01 9.09
CA ARG A 101 18.17 14.42 9.30
C ARG A 101 17.18 15.50 9.70
N THR A 102 17.58 16.34 10.65
CA THR A 102 16.77 17.48 11.05
C THR A 102 16.41 18.36 9.85
N ALA A 103 17.40 18.66 9.02
CA ALA A 103 17.19 19.50 7.84
C ALA A 103 16.20 18.86 6.86
N LEU A 104 16.38 17.57 6.60
CA LEU A 104 15.48 16.86 5.68
C LEU A 104 14.05 16.74 6.23
N GLU A 105 13.91 16.37 7.49
CA GLU A 105 12.59 16.25 8.10
C GLU A 105 11.84 17.57 8.11
N ASN A 106 12.52 18.67 8.41
CA ASN A 106 11.85 19.96 8.47
C ASN A 106 11.49 20.49 7.08
N ALA A 107 12.38 20.32 6.12
CA ALA A 107 12.07 20.69 4.73
C ALA A 107 10.96 19.80 4.17
N GLY A 108 11.03 18.50 4.44
CA GLY A 108 10.04 17.57 3.94
C GLY A 108 8.68 17.81 4.57
N THR A 109 8.67 18.11 5.86
CA THR A 109 7.44 18.37 6.60
C THR A 109 6.74 19.62 6.08
N ALA A 110 7.51 20.66 5.73
CA ALA A 110 6.94 21.84 5.12
C ALA A 110 6.28 21.48 3.80
N MET A 111 6.94 20.61 3.03
CA MET A 111 6.44 20.17 1.74
C MET A 111 5.15 19.35 1.83
N LEU A 112 4.90 18.77 3.00
CA LEU A 112 3.69 17.98 3.21
C LEU A 112 2.44 18.86 3.10
N CYS A 113 2.62 20.16 3.34
CA CYS A 113 1.53 21.11 3.23
C CYS A 113 1.00 21.26 1.80
N LYS A 114 1.81 20.87 0.83
CA LYS A 114 1.43 21.00 -0.58
C LYS A 114 1.49 19.65 -1.28
N THR A 115 1.18 18.60 -0.53
CA THR A 115 1.20 17.24 -1.07
C THR A 115 -0.19 16.63 -1.18
N VAL A 116 -0.46 16.01 -2.31
CA VAL A 116 -1.66 15.21 -2.52
C VAL A 116 -1.32 13.77 -2.16
N PHE A 117 -2.21 13.12 -1.42
CA PHE A 117 -1.98 11.73 -0.99
C PHE A 117 -2.92 10.76 -1.68
N VAL A 118 -2.39 9.61 -2.07
CA VAL A 118 -3.18 8.60 -2.76
C VAL A 118 -2.93 7.23 -2.11
N LEU A 119 -4.00 6.60 -1.65
CA LEU A 119 -3.90 5.28 -1.02
C LEU A 119 -4.52 4.22 -1.93
N VAL A 120 -3.73 3.25 -2.36
CA VAL A 120 -4.30 2.15 -3.14
C VAL A 120 -4.74 1.04 -2.19
N ALA A 121 -6.06 0.82 -2.12
CA ALA A 121 -6.64 -0.10 -1.16
C ALA A 121 -7.75 -0.91 -1.79
N GLY A 122 -7.41 -1.66 -2.82
CA GLY A 122 -8.39 -2.50 -3.50
C GLY A 122 -8.30 -3.98 -3.16
N GLY A 123 -7.82 -4.32 -1.97
CA GLY A 123 -7.66 -5.72 -1.57
C GLY A 123 -8.11 -6.15 -0.17
N LEU A 124 -8.60 -7.38 -0.07
CA LEU A 124 -8.93 -7.97 1.23
C LEU A 124 -7.73 -8.74 1.78
N GLY A 125 -7.72 -8.97 3.09
CA GLY A 125 -6.60 -9.67 3.71
C GLY A 125 -6.83 -11.15 3.96
N GLU A 126 -7.51 -11.82 3.03
CA GLU A 126 -7.83 -13.23 3.22
C GLU A 126 -6.58 -14.10 3.23
N ARG A 127 -5.62 -13.77 2.38
CA ARG A 127 -4.36 -14.48 2.28
C ARG A 127 -3.62 -14.45 3.62
N LEU A 128 -4.02 -13.51 4.48
CA LEU A 128 -3.48 -13.36 5.83
C LEU A 128 -4.25 -14.22 6.82
N GLY A 129 -5.50 -14.53 6.47
CA GLY A 129 -6.43 -15.15 7.39
C GLY A 129 -7.41 -14.11 7.90
N TYR A 130 -7.56 -13.05 7.13
CA TYR A 130 -8.40 -11.92 7.50
C TYR A 130 -9.46 -11.68 6.44
N SER A 131 -10.72 -11.84 6.82
CA SER A 131 -11.80 -11.80 5.85
C SER A 131 -12.32 -10.39 5.55
N SER A 132 -11.78 -9.40 6.25
N SER A 132 -11.78 -9.39 6.25
CA SER A 132 -12.18 -8.01 6.05
CA SER A 132 -12.22 -8.02 5.98
C SER A 132 -11.14 -7.25 5.24
C SER A 132 -11.15 -7.26 5.20
N ILE A 133 -11.39 -5.96 4.98
CA ILE A 133 -10.48 -5.15 4.18
C ILE A 133 -9.18 -4.84 4.92
N LYS A 134 -8.07 -4.84 4.18
CA LYS A 134 -6.77 -4.69 4.80
C LYS A 134 -6.62 -3.38 5.56
N VAL A 135 -7.24 -2.30 5.08
CA VAL A 135 -7.10 -1.03 5.80
C VAL A 135 -7.89 -1.00 7.10
N SER A 136 -8.69 -2.04 7.37
CA SER A 136 -9.36 -2.14 8.66
C SER A 136 -8.51 -2.91 9.66
N LEU A 137 -7.36 -3.42 9.22
CA LEU A 137 -6.43 -4.06 10.15
C LEU A 137 -5.91 -2.98 11.11
N PRO A 138 -5.72 -3.34 12.38
CA PRO A 138 -5.12 -2.34 13.25
C PRO A 138 -3.61 -2.27 13.04
N VAL A 139 -3.04 -1.07 13.10
CA VAL A 139 -1.60 -0.90 13.04
C VAL A 139 -0.99 -1.57 14.27
N GLU A 140 -1.67 -1.44 15.40
CA GLU A 140 -1.27 -2.09 16.65
C GLU A 140 -2.51 -2.26 17.51
N THR A 141 -2.48 -3.23 18.42
CA THR A 141 -3.67 -3.57 19.20
C THR A 141 -3.73 -2.87 20.57
N ALA A 142 -2.71 -2.08 20.88
CA ALA A 142 -2.74 -1.22 22.06
C ALA A 142 -3.89 -0.22 21.95
N THR A 143 -3.98 0.47 20.81
CA THR A 143 -5.06 1.43 20.57
C THR A 143 -6.07 0.90 19.54
N ASN A 144 -5.65 -0.10 18.77
CA ASN A 144 -6.48 -0.67 17.70
C ASN A 144 -6.75 0.30 16.54
N THR A 145 -5.94 1.36 16.44
CA THR A 145 -6.05 2.31 15.33
C THR A 145 -5.87 1.60 13.99
N THR A 146 -6.86 1.71 13.11
CA THR A 146 -6.81 1.04 11.80
C THR A 146 -5.79 1.72 10.91
N TYR A 147 -5.33 0.99 9.89
CA TYR A 147 -4.44 1.59 8.90
C TYR A 147 -5.14 2.78 8.24
N LEU A 148 -6.44 2.64 7.96
CA LEU A 148 -7.17 3.70 7.30
C LEU A 148 -7.15 5.00 8.11
N ALA A 149 -7.48 4.90 9.40
CA ALA A 149 -7.47 6.08 10.28
C ALA A 149 -6.07 6.63 10.47
N TYR A 150 -5.10 5.73 10.57
CA TYR A 150 -3.70 6.09 10.72
C TYR A 150 -3.22 7.00 9.60
N TYR A 151 -3.42 6.58 8.36
CA TYR A 151 -3.02 7.39 7.21
C TYR A 151 -3.76 8.73 7.14
N LEU A 152 -5.07 8.68 7.36
CA LEU A 152 -5.93 9.85 7.16
C LEU A 152 -5.70 10.93 8.22
N ARG A 153 -5.57 10.52 9.47
CA ARG A 153 -5.31 11.47 10.54
C ARG A 153 -3.93 12.11 10.37
N TRP A 154 -2.96 11.31 9.96
CA TRP A 154 -1.64 11.85 9.71
C TRP A 154 -1.69 12.87 8.56
N ALA A 155 -2.37 12.51 7.48
CA ALA A 155 -2.50 13.42 6.35
C ALA A 155 -3.23 14.72 6.72
N GLN A 156 -4.28 14.62 7.53
CA GLN A 156 -4.99 15.82 7.94
C GLN A 156 -4.17 16.63 8.93
N ARG A 157 -3.29 15.94 9.66
CA ARG A 157 -2.37 16.62 10.56
C ARG A 157 -1.32 17.44 9.78
N VAL A 158 -0.70 16.82 8.79
CA VAL A 158 0.39 17.49 8.06
C VAL A 158 -0.07 18.36 6.90
N GLY A 159 -1.27 18.08 6.38
CA GLY A 159 -1.81 18.82 5.26
C GLY A 159 -3.04 19.64 5.58
N GLY A 160 -3.45 19.62 6.85
CA GLY A 160 -4.66 20.31 7.29
C GLY A 160 -5.91 19.49 7.02
N LYS A 161 -7.01 19.86 7.65
CA LYS A 161 -8.28 19.15 7.48
C LYS A 161 -8.69 18.95 6.02
N GLU A 162 -8.42 19.95 5.19
CA GLU A 162 -8.82 19.93 3.78
C GLU A 162 -7.78 19.29 2.87
N VAL A 163 -6.89 18.48 3.44
CA VAL A 163 -5.89 17.80 2.64
C VAL A 163 -6.53 16.99 1.52
N PRO A 164 -5.99 17.09 0.30
CA PRO A 164 -6.47 16.30 -0.83
C PRO A 164 -6.04 14.85 -0.66
N PHE A 165 -6.98 13.92 -0.72
CA PHE A 165 -6.68 12.52 -0.46
C PHE A 165 -7.52 11.64 -1.37
N VAL A 166 -6.85 10.68 -2.02
CA VAL A 166 -7.55 9.73 -2.87
C VAL A 166 -7.40 8.33 -2.29
N ILE A 167 -8.50 7.59 -2.22
CA ILE A 167 -8.42 6.17 -1.92
C ILE A 167 -8.95 5.38 -3.11
N MET A 168 -8.11 4.52 -3.70
CA MET A 168 -8.62 3.63 -4.72
C MET A 168 -9.16 2.37 -4.07
N THR A 169 -10.40 2.06 -4.38
CA THR A 169 -11.05 0.85 -3.90
C THR A 169 -11.36 -0.08 -5.08
N SER A 170 -11.87 -1.26 -4.78
CA SER A 170 -12.35 -2.19 -5.80
C SER A 170 -13.71 -2.72 -5.39
N ASP A 171 -14.33 -3.54 -6.25
CA ASP A 171 -15.59 -4.21 -5.90
C ASP A 171 -15.47 -4.91 -4.55
N ASP A 172 -14.30 -5.46 -4.27
CA ASP A 172 -14.07 -6.19 -3.02
C ASP A 172 -14.09 -5.30 -1.77
N THR A 173 -13.50 -4.11 -1.86
CA THR A 173 -13.26 -3.31 -0.67
C THR A 173 -14.12 -2.05 -0.55
N HIS A 174 -14.83 -1.70 -1.62
CA HIS A 174 -15.44 -0.37 -1.71
C HIS A 174 -16.49 -0.07 -0.64
N ASP A 175 -17.53 -0.88 -0.56
CA ASP A 175 -18.60 -0.64 0.40
C ASP A 175 -18.10 -0.70 1.86
N ARG A 176 -17.19 -1.62 2.14
CA ARG A 176 -16.66 -1.73 3.49
C ARG A 176 -15.74 -0.57 3.84
N THR A 177 -15.07 -0.01 2.83
CA THR A 177 -14.27 1.17 3.04
C THR A 177 -15.16 2.34 3.43
N LEU A 178 -16.24 2.54 2.69
CA LEU A 178 -17.21 3.59 3.02
C LEU A 178 -17.80 3.35 4.42
N GLN A 179 -18.11 2.10 4.73
CA GLN A 179 -18.63 1.75 6.06
C GLN A 179 -17.64 2.14 7.16
N LEU A 180 -16.36 1.82 6.96
CA LEU A 180 -15.32 2.12 7.95
C LEU A 180 -15.12 3.62 8.12
N LEU A 181 -15.10 4.36 7.00
CA LEU A 181 -15.02 5.82 7.08
C LEU A 181 -16.11 6.38 7.97
N ARG A 182 -17.34 5.94 7.73
N ARG A 182 -17.35 5.93 7.73
CA ARG A 182 -18.50 6.39 8.50
CA ARG A 182 -18.51 6.37 8.49
C ARG A 182 -18.40 5.99 9.98
C ARG A 182 -18.41 5.99 9.97
N GLU A 183 -18.08 4.73 10.22
CA GLU A 183 -18.00 4.21 11.59
C GLU A 183 -16.94 4.89 12.43
N LEU A 184 -15.83 5.28 11.80
CA LEU A 184 -14.74 5.94 12.52
C LEU A 184 -14.99 7.43 12.66
N GLN A 185 -16.09 7.91 12.08
CA GLN A 185 -16.45 9.32 12.16
C GLN A 185 -15.34 10.21 11.60
N LEU A 186 -14.69 9.73 10.55
CA LEU A 186 -13.66 10.50 9.86
C LEU A 186 -14.30 11.53 8.92
N GLU A 187 -13.88 12.79 9.08
CA GLU A 187 -14.41 13.89 8.28
C GLU A 187 -13.30 14.47 7.41
N VAL A 188 -13.29 14.07 6.15
CA VAL A 188 -12.23 14.43 5.22
C VAL A 188 -12.87 15.07 4.00
N PRO A 189 -13.03 16.40 4.02
CA PRO A 189 -13.76 17.17 3.01
C PRO A 189 -13.26 16.96 1.57
N ASN A 190 -11.96 16.84 1.38
CA ASN A 190 -11.40 16.66 0.04
C ASN A 190 -10.91 15.24 -0.25
N LEU A 191 -11.58 14.27 0.34
CA LEU A 191 -11.32 12.87 0.06
C LEU A 191 -12.07 12.45 -1.19
N HIS A 192 -11.42 11.69 -2.06
CA HIS A 192 -12.10 11.11 -3.20
C HIS A 192 -11.88 9.60 -3.22
N VAL A 193 -12.96 8.85 -3.10
CA VAL A 193 -12.89 7.40 -3.16
C VAL A 193 -13.20 7.00 -4.60
N LEU A 194 -12.22 6.39 -5.26
CA LEU A 194 -12.35 6.04 -6.67
C LEU A 194 -12.27 4.53 -6.84
N LYS A 195 -13.28 3.94 -7.45
CA LYS A 195 -13.39 2.48 -7.51
C LYS A 195 -12.94 1.94 -8.86
N GLN A 196 -11.97 1.03 -8.83
CA GLN A 196 -11.51 0.43 -10.07
C GLN A 196 -12.52 -0.62 -10.55
N GLY A 197 -12.64 -0.75 -11.86
CA GLY A 197 -13.54 -1.73 -12.43
C GLY A 197 -12.79 -3.01 -12.74
N GLN A 198 -13.48 -4.14 -12.66
CA GLN A 198 -12.86 -5.41 -12.95
C GLN A 198 -12.89 -5.68 -14.44
N VAL A 199 -11.95 -6.48 -14.92
CA VAL A 199 -11.83 -6.76 -16.34
C VAL A 199 -12.17 -8.23 -16.60
N PHE A 200 -12.47 -8.53 -17.85
CA PHE A 200 -12.85 -9.88 -18.24
C PHE A 200 -11.66 -10.82 -18.14
N CYS A 201 -11.93 -12.13 -18.15
CA CYS A 201 -10.88 -13.13 -18.02
C CYS A 201 -10.82 -14.04 -19.23
N PHE A 202 -9.64 -14.59 -19.49
CA PHE A 202 -9.44 -15.52 -20.59
C PHE A 202 -9.42 -16.96 -20.08
N ALA A 203 -10.29 -17.79 -20.64
CA ALA A 203 -10.35 -19.20 -20.28
C ALA A 203 -9.16 -19.96 -20.84
N ASP A 204 -8.62 -19.48 -21.95
CA ASP A 204 -7.51 -20.17 -22.61
C ASP A 204 -6.46 -19.26 -23.25
N SER A 205 -5.44 -19.89 -23.82
CA SER A 205 -4.34 -19.19 -24.46
C SER A 205 -4.74 -18.50 -25.77
N ALA A 206 -5.97 -18.74 -26.21
CA ALA A 206 -6.47 -18.12 -27.44
C ALA A 206 -7.35 -16.91 -27.10
N ALA A 207 -7.37 -16.54 -25.82
CA ALA A 207 -8.11 -15.38 -25.35
C ALA A 207 -9.62 -15.53 -25.50
N HIS A 208 -10.14 -16.74 -25.33
CA HIS A 208 -11.57 -16.93 -25.25
C HIS A 208 -12.04 -16.50 -23.87
N LEU A 209 -13.08 -15.68 -23.80
CA LEU A 209 -13.55 -15.14 -22.53
C LEU A 209 -14.14 -16.22 -21.63
N ALA A 210 -13.82 -16.15 -20.34
CA ALA A 210 -14.29 -17.14 -19.38
C ALA A 210 -15.64 -16.77 -18.77
N LEU A 211 -16.42 -17.79 -18.44
CA LEU A 211 -17.70 -17.59 -17.76
C LEU A 211 -17.65 -18.21 -16.36
N ASP A 212 -18.49 -17.72 -15.46
CA ASP A 212 -18.65 -18.36 -14.16
C ASP A 212 -19.72 -19.44 -14.24
N GLU A 213 -20.07 -20.04 -13.10
CA GLU A 213 -21.08 -21.11 -13.08
C GLU A 213 -22.46 -20.59 -13.49
N THR A 214 -22.78 -19.37 -13.07
CA THR A 214 -24.06 -18.76 -13.38
C THR A 214 -24.23 -18.53 -14.88
N GLY A 215 -23.12 -18.53 -15.61
CA GLY A 215 -23.16 -18.28 -17.04
C GLY A 215 -22.86 -16.84 -17.39
N LYS A 216 -22.47 -16.06 -16.38
CA LYS A 216 -22.11 -14.67 -16.59
C LYS A 216 -20.61 -14.53 -16.82
N LEU A 217 -20.22 -13.46 -17.50
CA LEU A 217 -18.81 -13.23 -17.80
C LEU A 217 -18.00 -13.08 -16.52
N LEU A 218 -16.89 -13.82 -16.44
CA LEU A 218 -16.03 -13.81 -15.27
C LEU A 218 -15.22 -12.52 -15.21
N ARG A 219 -14.99 -12.02 -14.00
CA ARG A 219 -14.34 -10.74 -13.79
C ARG A 219 -13.24 -10.84 -12.74
N LYS A 220 -12.14 -10.14 -12.96
CA LYS A 220 -11.06 -10.06 -11.99
C LYS A 220 -10.41 -8.69 -12.06
N PRO A 221 -9.62 -8.33 -11.04
CA PRO A 221 -9.02 -7.00 -10.97
C PRO A 221 -7.91 -6.77 -12.02
N HIS A 222 -7.80 -5.51 -12.48
CA HIS A 222 -6.83 -5.13 -13.50
C HIS A 222 -5.52 -4.64 -12.87
N GLY A 223 -5.44 -4.69 -11.54
CA GLY A 223 -4.21 -4.32 -10.84
C GLY A 223 -4.18 -2.89 -10.34
N HIS A 224 -3.18 -2.55 -9.54
CA HIS A 224 -3.09 -1.21 -8.97
C HIS A 224 -2.74 -0.14 -10.00
N GLY A 225 -2.40 -0.57 -11.21
CA GLY A 225 -2.15 0.37 -12.31
C GLY A 225 -3.35 1.25 -12.63
N ASP A 226 -4.55 0.73 -12.35
CA ASP A 226 -5.81 1.45 -12.55
C ASP A 226 -5.85 2.82 -11.90
N VAL A 227 -5.03 3.05 -10.88
CA VAL A 227 -5.13 4.28 -10.09
C VAL A 227 -4.91 5.54 -10.95
N HIS A 228 -4.02 5.46 -11.93
CA HIS A 228 -3.70 6.64 -12.73
C HIS A 228 -4.83 7.05 -13.65
N SER A 229 -5.50 6.07 -14.26
CA SER A 229 -6.64 6.36 -15.12
C SER A 229 -7.85 6.83 -14.32
N LEU A 230 -8.04 6.27 -13.12
CA LEU A 230 -9.13 6.71 -12.25
C LEU A 230 -8.95 8.19 -11.90
N ILE A 231 -7.71 8.57 -11.61
CA ILE A 231 -7.40 9.95 -11.31
C ILE A 231 -7.55 10.83 -12.55
N TYR A 232 -7.07 10.36 -13.70
CA TYR A 232 -7.16 11.15 -14.93
C TYR A 232 -8.61 11.50 -15.25
N ASN A 233 -9.50 10.56 -14.99
CA ASN A 233 -10.91 10.72 -15.35
C ASN A 233 -11.78 11.32 -14.25
N ALA A 234 -11.18 11.55 -13.08
CA ALA A 234 -11.93 12.09 -11.94
C ALA A 234 -12.12 13.60 -12.04
N THR A 235 -13.28 14.08 -11.61
CA THR A 235 -13.59 15.50 -11.63
C THR A 235 -14.22 15.94 -10.30
N VAL A 236 -14.23 17.24 -10.06
CA VAL A 236 -14.92 17.79 -8.90
C VAL A 236 -16.18 18.53 -9.33
N ALA A 251 -17.27 21.52 -13.34
CA ALA A 251 -16.64 20.23 -13.13
C ALA A 251 -15.36 20.10 -13.96
N GLN A 252 -14.24 20.43 -13.34
CA GLN A 252 -12.94 20.32 -14.00
C GLN A 252 -12.23 19.06 -13.54
N PRO A 253 -11.17 18.67 -14.24
CA PRO A 253 -10.36 17.52 -13.80
C PRO A 253 -9.88 17.70 -12.36
N LEU A 254 -9.82 16.59 -11.65
CA LEU A 254 -9.32 16.58 -10.27
C LEU A 254 -7.95 17.24 -10.19
N VAL A 255 -7.03 16.79 -11.04
CA VAL A 255 -5.66 17.28 -11.01
C VAL A 255 -5.54 18.78 -11.32
N ASN A 256 -6.47 19.30 -12.11
CA ASN A 256 -6.49 20.73 -12.40
C ASN A 256 -6.76 21.49 -11.11
N ASP A 257 -7.70 20.97 -10.34
CA ASP A 257 -8.09 21.56 -9.07
C ASP A 257 -6.89 21.61 -8.13
N TRP A 258 -6.15 20.50 -8.05
CA TRP A 258 -4.96 20.41 -7.22
C TRP A 258 -3.89 21.43 -7.64
N LEU A 259 -3.58 21.47 -8.92
CA LEU A 259 -2.54 22.38 -9.41
C LEU A 259 -2.92 23.83 -9.13
N ALA A 260 -4.17 24.19 -9.43
CA ALA A 260 -4.65 25.55 -9.24
C ALA A 260 -4.70 25.95 -7.78
N ALA A 261 -4.79 24.96 -6.89
CA ALA A 261 -4.85 25.22 -5.45
C ALA A 261 -3.45 25.35 -4.87
N GLY A 262 -2.43 25.13 -5.69
CA GLY A 262 -1.06 25.32 -5.26
C GLY A 262 -0.29 24.06 -4.89
N TYR A 263 -0.89 22.90 -5.12
CA TYR A 263 -0.24 21.65 -4.75
C TYR A 263 0.94 21.32 -5.66
N GLU A 264 1.99 20.74 -5.09
CA GLU A 264 3.25 20.61 -5.79
C GLU A 264 3.80 19.18 -5.85
N SER A 265 3.30 18.31 -4.97
CA SER A 265 3.74 16.91 -4.98
C SER A 265 2.56 15.98 -4.84
N ILE A 266 2.73 14.74 -5.29
CA ILE A 266 1.73 13.70 -5.12
C ILE A 266 2.41 12.40 -4.72
N VAL A 267 1.86 11.73 -3.72
CA VAL A 267 2.49 10.54 -3.15
C VAL A 267 1.51 9.38 -3.14
N PHE A 268 1.99 8.21 -3.55
CA PHE A 268 1.20 6.99 -3.58
C PHE A 268 1.68 6.01 -2.51
N ILE A 269 0.76 5.54 -1.69
CA ILE A 269 1.11 4.59 -0.63
C ILE A 269 0.26 3.33 -0.73
N GLN A 270 0.77 2.24 -0.19
CA GLN A 270 0.01 0.99 -0.21
C GLN A 270 -0.68 0.77 1.13
N ASP A 271 -1.44 -0.31 1.26
CA ASP A 271 -2.45 -0.40 2.31
C ASP A 271 -1.99 -0.72 3.74
N THR A 272 -0.88 -1.43 3.91
CA THR A 272 -0.50 -1.83 5.27
C THR A 272 0.96 -1.62 5.64
N ASN A 273 1.52 -0.49 5.25
CA ASN A 273 2.90 -0.19 5.60
C ASN A 273 2.97 1.13 6.36
N ALA A 274 3.01 1.05 7.69
CA ALA A 274 2.99 2.24 8.54
C ALA A 274 4.26 3.08 8.39
N GLY A 275 5.31 2.48 7.83
CA GLY A 275 6.59 3.17 7.65
C GLY A 275 6.52 4.41 6.75
N ALA A 276 5.54 4.46 5.87
CA ALA A 276 5.41 5.55 4.91
C ALA A 276 5.38 6.94 5.57
N THR A 277 4.76 7.05 6.74
CA THR A 277 4.67 8.35 7.41
C THR A 277 6.03 8.86 7.86
N ILE A 278 7.01 7.96 7.92
CA ILE A 278 8.38 8.35 8.23
C ILE A 278 9.21 8.61 6.98
N THR A 279 9.11 7.74 5.98
CA THR A 279 9.92 7.87 4.79
C THR A 279 9.52 9.07 3.92
N ILE A 280 8.22 9.38 3.88
CA ILE A 280 7.71 10.39 2.96
C ILE A 280 8.35 11.79 3.09
N PRO A 281 8.41 12.34 4.31
CA PRO A 281 9.02 13.68 4.43
C PRO A 281 10.44 13.71 3.88
N ILE A 282 11.19 12.65 4.13
CA ILE A 282 12.56 12.56 3.65
C ILE A 282 12.63 12.51 2.13
N SER A 283 11.76 11.70 1.52
CA SER A 283 11.74 11.57 0.07
C SER A 283 11.39 12.89 -0.59
N LEU A 284 10.39 13.58 -0.04
CA LEU A 284 10.02 14.89 -0.56
C LEU A 284 11.19 15.86 -0.51
N ALA A 285 11.85 15.94 0.64
CA ALA A 285 13.01 16.83 0.81
C ALA A 285 14.09 16.52 -0.22
N LEU A 286 14.32 15.23 -0.46
CA LEU A 286 15.35 14.81 -1.40
C LEU A 286 14.93 15.02 -2.85
N SER A 287 13.64 14.83 -3.14
CA SER A 287 13.10 15.11 -4.47
C SER A 287 13.34 16.57 -4.84
N ALA A 288 13.14 17.48 -3.89
CA ALA A 288 13.39 18.89 -4.13
C ALA A 288 14.88 19.20 -4.26
N GLU A 289 15.67 18.60 -3.39
CA GLU A 289 17.10 18.86 -3.37
C GLU A 289 17.76 18.38 -4.65
N HIS A 290 17.24 17.30 -5.22
CA HIS A 290 17.83 16.71 -6.41
C HIS A 290 16.94 16.83 -7.63
N SER A 291 15.97 17.75 -7.57
CA SER A 291 15.07 17.98 -8.69
C SER A 291 14.57 16.67 -9.31
N LEU A 292 13.95 15.82 -8.48
CA LEU A 292 13.42 14.56 -8.98
C LEU A 292 11.95 14.66 -9.36
N ASP A 293 11.62 14.21 -10.56
CA ASP A 293 10.24 14.19 -11.03
C ASP A 293 9.51 12.97 -10.49
N MET A 294 10.22 11.85 -10.42
CA MET A 294 9.70 10.66 -9.77
C MET A 294 10.76 10.10 -8.83
N ASN A 295 10.33 9.67 -7.65
CA ASN A 295 11.24 9.25 -6.60
C ASN A 295 10.72 7.95 -5.98
N PHE A 296 11.31 6.82 -6.38
CA PHE A 296 10.96 5.51 -5.80
C PHE A 296 11.50 5.39 -4.39
N THR A 297 10.64 4.98 -3.46
CA THR A 297 11.09 4.68 -2.10
C THR A 297 11.69 3.28 -2.08
N CYS A 298 12.93 3.15 -1.64
CA CYS A 298 13.63 1.87 -1.70
C CYS A 298 14.23 1.42 -0.38
N ILE A 299 14.68 0.17 -0.35
CA ILE A 299 15.41 -0.39 0.76
C ILE A 299 16.45 -1.35 0.21
N PRO A 300 17.55 -1.59 0.94
CA PRO A 300 18.47 -2.62 0.49
C PRO A 300 17.74 -3.96 0.40
N ARG A 301 17.93 -4.67 -0.71
CA ARG A 301 17.10 -5.84 -1.02
C ARG A 301 17.78 -7.18 -0.77
N VAL A 302 17.00 -8.16 -0.31
CA VAL A 302 17.48 -9.52 -0.18
C VAL A 302 17.09 -10.35 -1.41
N PRO A 303 18.05 -11.11 -1.97
CA PRO A 303 17.86 -11.84 -3.22
C PRO A 303 16.57 -12.66 -3.26
N LYS A 304 16.08 -13.07 -2.09
CA LYS A 304 14.84 -13.81 -2.00
C LYS A 304 13.74 -12.91 -1.44
N GLU A 305 13.24 -11.98 -2.24
CA GLU A 305 12.23 -11.05 -1.74
C GLU A 305 11.25 -10.60 -2.83
N PRO A 306 9.95 -10.70 -2.53
CA PRO A 306 8.85 -10.38 -3.45
C PRO A 306 8.63 -8.87 -3.59
N ILE A 307 9.72 -8.13 -3.76
CA ILE A 307 9.64 -6.72 -4.14
C ILE A 307 10.51 -6.49 -5.37
N GLY A 308 10.13 -5.50 -6.18
CA GLY A 308 10.86 -5.21 -7.40
C GLY A 308 12.23 -4.63 -7.16
N LEU A 309 13.04 -4.58 -8.21
CA LEU A 309 14.34 -3.95 -8.14
C LEU A 309 14.31 -2.68 -8.99
N LEU A 310 14.83 -1.58 -8.46
CA LEU A 310 14.91 -0.35 -9.24
C LEU A 310 16.12 -0.41 -10.16
N CYS A 311 15.87 -0.46 -11.46
CA CYS A 311 16.93 -0.66 -12.44
C CYS A 311 16.91 0.39 -13.55
N ARG A 312 18.06 0.61 -14.15
CA ARG A 312 18.16 1.38 -15.38
C ARG A 312 18.08 0.38 -16.52
N THR A 313 17.08 0.53 -17.38
CA THR A 313 16.81 -0.49 -18.40
C THR A 313 16.91 0.03 -19.81
N LYS A 314 17.27 -0.88 -20.72
CA LYS A 314 17.19 -0.65 -22.14
C LYS A 314 16.51 -1.88 -22.71
N LYS A 315 15.25 -1.75 -23.11
CA LYS A 315 14.49 -2.91 -23.58
C LYS A 315 15.17 -3.57 -24.78
N ASN A 316 15.48 -2.78 -25.80
CA ASN A 316 16.21 -3.27 -26.96
C ASN A 316 17.46 -2.44 -27.18
N SER A 317 18.44 -2.98 -27.90
CA SER A 317 19.70 -2.28 -28.12
C SER A 317 19.48 -0.88 -28.70
N GLY A 318 18.29 -0.64 -29.22
CA GLY A 318 17.97 0.63 -29.85
C GLY A 318 17.48 1.71 -28.90
N ASP A 319 16.72 1.30 -27.88
CA ASP A 319 16.03 2.25 -27.00
C ASP A 319 16.96 3.04 -26.08
N PRO A 320 16.47 4.19 -25.59
CA PRO A 320 17.15 4.98 -24.56
C PRO A 320 16.93 4.33 -23.20
N TRP A 321 17.82 4.59 -22.25
CA TRP A 321 17.67 4.04 -20.90
C TRP A 321 16.33 4.47 -20.32
N LEU A 322 15.74 3.60 -19.50
CA LEU A 322 14.57 3.94 -18.72
C LEU A 322 14.80 3.50 -17.28
N VAL A 323 14.46 4.37 -16.34
CA VAL A 323 14.53 4.00 -14.93
C VAL A 323 13.18 3.47 -14.51
N ALA A 324 13.13 2.21 -14.12
CA ALA A 324 11.87 1.56 -13.80
C ALA A 324 12.04 0.38 -12.85
N ASN A 325 10.94 0.03 -12.20
CA ASN A 325 10.87 -1.17 -11.38
C ASN A 325 10.90 -2.39 -12.27
N VAL A 326 11.70 -3.38 -11.91
CA VAL A 326 11.66 -4.69 -12.56
C VAL A 326 11.17 -5.67 -11.53
N GLU A 327 9.93 -6.14 -11.69
CA GLU A 327 9.32 -7.00 -10.67
C GLU A 327 10.16 -8.23 -10.36
N TYR A 328 10.09 -8.67 -9.11
CA TYR A 328 10.91 -9.76 -8.60
C TYR A 328 10.86 -11.00 -9.48
N ASN A 329 9.66 -11.38 -9.90
CA ASN A 329 9.47 -12.55 -10.73
C ASN A 329 10.18 -12.45 -12.08
N VAL A 330 10.25 -11.24 -12.63
CA VAL A 330 10.88 -11.01 -13.92
C VAL A 330 12.41 -10.96 -13.79
N PHE A 331 12.91 -10.35 -12.72
CA PHE A 331 14.34 -10.30 -12.54
C PHE A 331 14.87 -11.67 -12.20
N ALA A 332 13.95 -12.58 -11.87
CA ALA A 332 14.30 -13.96 -11.61
C ALA A 332 14.61 -14.68 -12.91
N GLU A 333 14.35 -14.02 -14.03
CA GLU A 333 14.49 -14.63 -15.34
C GLU A 333 15.52 -13.90 -16.22
N VAL A 334 15.39 -12.58 -16.29
CA VAL A 334 16.36 -11.76 -17.02
C VAL A 334 17.75 -11.95 -16.41
N SER A 335 17.81 -11.89 -15.09
CA SER A 335 19.05 -12.08 -14.35
C SER A 335 19.86 -13.26 -14.90
N ARG A 336 19.16 -14.28 -15.37
CA ARG A 336 19.78 -15.57 -15.65
C ARG A 336 20.32 -15.74 -17.06
N ALA A 337 20.35 -14.65 -17.83
CA ALA A 337 20.61 -14.78 -19.26
C ALA A 337 21.94 -14.20 -19.77
N LEU A 338 22.02 -12.88 -19.87
CA LEU A 338 23.04 -12.26 -20.71
C LEU A 338 23.72 -11.01 -20.14
N ASN A 339 24.98 -10.83 -20.51
CA ASN A 339 25.76 -9.65 -20.17
C ASN A 339 26.65 -9.25 -21.35
N LYS A 340 26.71 -7.95 -21.65
CA LYS A 340 27.48 -7.47 -22.80
C LYS A 340 28.95 -7.86 -22.73
N ASP A 341 29.44 -8.50 -23.79
CA ASP A 341 30.82 -8.98 -23.84
C ASP A 341 31.25 -9.32 -25.26
N GLY A 351 25.32 -7.57 1.98
CA GLY A 351 25.05 -8.68 1.08
C GLY A 351 23.73 -8.55 0.36
N PHE A 352 23.43 -7.35 -0.12
CA PHE A 352 22.18 -7.09 -0.83
C PHE A 352 22.41 -7.00 -2.34
N SER A 353 21.31 -7.02 -3.09
CA SER A 353 21.38 -6.83 -4.54
C SER A 353 22.07 -5.49 -4.82
N PRO A 354 22.76 -5.40 -5.97
CA PRO A 354 23.34 -4.10 -6.32
C PRO A 354 22.22 -3.09 -6.39
N PHE A 355 21.16 -3.49 -7.08
CA PHE A 355 20.01 -2.62 -7.31
C PHE A 355 19.10 -2.53 -6.07
N PRO A 356 18.51 -1.35 -5.85
CA PRO A 356 17.63 -1.13 -4.70
C PRO A 356 16.32 -1.90 -4.87
N GLY A 357 15.69 -2.27 -3.76
CA GLY A 357 14.36 -2.85 -3.79
C GLY A 357 13.31 -1.78 -3.58
N SER A 358 12.33 -1.73 -4.49
CA SER A 358 11.28 -0.72 -4.44
C SER A 358 10.10 -1.18 -3.60
N VAL A 359 9.67 -0.36 -2.66
CA VAL A 359 8.58 -0.75 -1.76
C VAL A 359 7.24 -0.13 -2.14
N ASN A 360 7.21 0.57 -3.27
CA ASN A 360 5.98 1.14 -3.83
C ASN A 360 5.35 2.25 -2.99
N THR A 361 6.20 3.03 -2.33
CA THR A 361 5.79 4.35 -1.90
C THR A 361 6.36 5.29 -2.95
N LEU A 362 5.49 5.86 -3.79
CA LEU A 362 5.94 6.63 -4.94
C LEU A 362 5.72 8.12 -4.74
N VAL A 363 6.77 8.90 -4.95
CA VAL A 363 6.75 10.33 -4.71
C VAL A 363 6.98 11.12 -6.01
N PHE A 364 6.01 11.95 -6.38
CA PHE A 364 6.09 12.68 -7.65
C PHE A 364 6.07 14.18 -7.45
N LYS A 365 6.70 14.90 -8.38
CA LYS A 365 6.44 16.31 -8.56
C LYS A 365 5.11 16.35 -9.30
N LEU A 366 4.15 17.11 -8.78
CA LEU A 366 2.80 17.04 -9.33
C LEU A 366 2.70 17.50 -10.78
N SER A 367 3.38 18.60 -11.11
CA SER A 367 3.31 19.13 -12.46
C SER A 367 3.78 18.07 -13.47
N SER A 368 4.87 17.39 -13.15
CA SER A 368 5.40 16.35 -14.03
C SER A 368 4.44 15.17 -14.10
N TYR A 369 3.91 14.78 -12.94
CA TYR A 369 2.94 13.70 -12.89
C TYR A 369 1.78 14.01 -13.83
N VAL A 370 1.22 15.19 -13.70
CA VAL A 370 0.06 15.58 -14.49
C VAL A 370 0.35 15.61 -15.99
N ASP A 371 1.51 16.15 -16.36
CA ASP A 371 1.90 16.18 -17.77
C ASP A 371 1.86 14.79 -18.38
N ARG A 372 2.50 13.83 -17.70
CA ARG A 372 2.54 12.46 -18.19
C ARG A 372 1.15 11.84 -18.16
N LEU A 373 0.38 12.20 -17.13
CA LEU A 373 -0.97 11.70 -17.00
C LEU A 373 -1.83 12.14 -18.18
N ARG A 374 -1.79 13.44 -18.48
CA ARG A 374 -2.57 14.00 -19.58
C ARG A 374 -2.18 13.40 -20.92
N GLU A 375 -0.89 13.14 -21.10
CA GLU A 375 -0.38 12.56 -22.34
C GLU A 375 -0.89 11.14 -22.53
N SER A 376 -0.88 10.36 -21.46
CA SER A 376 -1.21 8.94 -21.55
C SER A 376 -2.66 8.62 -21.21
N HIS A 377 -3.42 9.63 -20.77
CA HIS A 377 -4.76 9.39 -20.24
C HIS A 377 -4.70 8.45 -19.03
N GLY A 378 -3.54 8.40 -18.39
CA GLY A 378 -3.35 7.56 -17.22
C GLY A 378 -3.14 6.10 -17.56
N ILE A 379 -3.08 5.78 -18.85
CA ILE A 379 -2.86 4.40 -19.30
C ILE A 379 -1.38 4.00 -19.20
N VAL A 380 -1.11 2.91 -18.47
CA VAL A 380 0.26 2.42 -18.34
C VAL A 380 0.40 1.08 -19.06
N PRO A 381 1.64 0.68 -19.37
CA PRO A 381 1.84 -0.60 -20.05
C PRO A 381 1.21 -1.75 -19.27
N GLU A 382 0.72 -2.75 -19.98
CA GLU A 382 0.04 -3.88 -19.36
C GLU A 382 0.83 -5.16 -19.46
N PHE A 383 0.38 -6.19 -18.76
CA PHE A 383 0.98 -7.52 -18.89
C PHE A 383 -0.05 -8.59 -18.53
N ILE A 384 0.27 -9.83 -18.83
CA ILE A 384 -0.56 -10.95 -18.38
C ILE A 384 0.34 -12.04 -17.81
N ASN A 385 -0.15 -12.72 -16.77
CA ASN A 385 0.67 -13.68 -16.06
C ASN A 385 -0.14 -14.93 -15.69
N PRO A 386 -0.52 -15.73 -16.69
CA PRO A 386 -1.38 -16.89 -16.46
C PRO A 386 -0.72 -17.92 -15.55
N LYS A 387 -1.52 -18.53 -14.68
CA LYS A 387 -1.08 -19.69 -13.91
C LYS A 387 -1.53 -20.93 -14.63
N TYR A 388 -0.58 -21.79 -15.00
CA TYR A 388 -0.89 -22.96 -15.82
C TYR A 388 -1.22 -24.22 -15.01
N SER A 389 -2.17 -25.00 -15.53
CA SER A 389 -2.60 -26.24 -14.87
C SER A 389 -1.42 -27.17 -14.65
N ASP A 390 -0.63 -27.38 -15.71
CA ASP A 390 0.59 -28.17 -15.58
C ASP A 390 1.78 -27.50 -16.25
N GLU A 391 2.93 -28.15 -16.15
CA GLU A 391 4.22 -27.54 -16.48
C GLU A 391 4.33 -26.78 -17.81
N THR A 392 3.94 -27.39 -18.92
CA THR A 392 4.30 -26.81 -20.22
C THR A 392 3.26 -26.88 -21.35
N ARG A 393 1.97 -26.87 -21.03
CA ARG A 393 0.96 -26.62 -22.05
C ARG A 393 0.03 -25.53 -21.55
N ARG A 394 -0.45 -24.69 -22.46
CA ARG A 394 -1.28 -23.56 -22.07
C ARG A 394 -2.70 -23.97 -21.70
N SER A 395 -2.81 -24.94 -20.79
CA SER A 395 -4.09 -25.21 -20.15
C SER A 395 -4.07 -24.46 -18.82
N PHE A 396 -4.83 -23.38 -18.75
CA PHE A 396 -4.86 -22.54 -17.54
C PHE A 396 -5.39 -23.32 -16.34
N LYS A 397 -4.74 -23.13 -15.18
CA LYS A 397 -5.27 -23.68 -13.93
C LYS A 397 -6.48 -22.87 -13.51
N LYS A 398 -6.39 -21.56 -13.70
CA LYS A 398 -7.53 -20.66 -13.51
C LYS A 398 -7.50 -19.60 -14.61
N PRO A 399 -8.68 -19.06 -14.97
CA PRO A 399 -8.74 -18.03 -16.01
C PRO A 399 -7.79 -16.86 -15.71
N ALA A 400 -7.14 -16.35 -16.75
CA ALA A 400 -6.18 -15.26 -16.57
C ALA A 400 -6.77 -13.95 -17.07
N ARG A 401 -6.28 -12.84 -16.54
CA ARG A 401 -6.69 -11.53 -17.02
C ARG A 401 -5.49 -10.59 -17.13
N ILE A 402 -5.68 -9.51 -17.87
CA ILE A 402 -4.63 -8.52 -18.07
C ILE A 402 -4.47 -7.66 -16.82
N GLU A 403 -3.22 -7.39 -16.45
CA GLU A 403 -2.95 -6.61 -15.26
C GLU A 403 -2.04 -5.42 -15.56
N SER A 404 -1.87 -4.55 -14.57
CA SER A 404 -0.99 -3.40 -14.68
C SER A 404 -0.53 -2.98 -13.29
N LEU A 405 0.62 -2.30 -13.24
CA LEU A 405 1.19 -1.87 -11.96
C LEU A 405 1.26 -0.36 -11.91
N MET A 406 0.96 0.23 -10.75
CA MET A 406 0.95 1.67 -10.65
C MET A 406 2.33 2.27 -10.85
N GLN A 407 3.37 1.52 -10.51
CA GLN A 407 4.73 2.05 -10.62
C GLN A 407 5.23 2.07 -12.06
N ASP A 408 4.58 1.31 -12.93
CA ASP A 408 5.00 1.27 -14.34
C ASP A 408 4.73 2.58 -15.07
N ILE A 409 4.08 3.52 -14.40
CA ILE A 409 3.92 4.85 -14.96
C ILE A 409 5.31 5.45 -15.17
N ALA A 410 6.31 4.87 -14.51
CA ALA A 410 7.69 5.31 -14.63
C ALA A 410 8.18 5.22 -16.07
N LEU A 411 7.54 4.35 -16.84
CA LEU A 411 7.96 4.09 -18.23
C LEU A 411 7.58 5.24 -19.15
N LEU A 412 6.81 6.19 -18.64
CA LEU A 412 6.36 7.31 -19.46
C LEU A 412 7.24 8.53 -19.21
N PHE A 413 8.21 8.38 -18.32
CA PHE A 413 9.15 9.44 -17.98
C PHE A 413 10.51 9.18 -18.63
N SER A 414 10.74 9.75 -19.82
CA SER A 414 12.01 9.54 -20.52
C SER A 414 13.16 10.22 -19.79
N GLU A 415 14.35 9.64 -19.88
CA GLU A 415 15.54 10.23 -19.26
C GLU A 415 15.87 11.60 -19.85
N ASP A 416 15.44 11.83 -21.08
CA ASP A 416 15.69 13.09 -21.75
C ASP A 416 14.96 14.26 -21.09
N ASP A 417 13.73 14.02 -20.67
CA ASP A 417 12.89 15.12 -20.20
C ASP A 417 12.64 15.12 -18.71
N TYR A 418 12.92 14.00 -18.04
CA TYR A 418 12.61 13.86 -16.63
C TYR A 418 13.72 13.21 -15.82
N ARG A 419 13.70 13.46 -14.51
CA ARG A 419 14.64 12.87 -13.58
C ARG A 419 13.92 11.89 -12.66
N VAL A 420 14.14 10.61 -12.90
CA VAL A 420 13.56 9.54 -12.11
C VAL A 420 14.64 8.89 -11.27
N GLY A 421 14.42 8.82 -9.95
CA GLY A 421 15.42 8.26 -9.07
C GLY A 421 14.84 7.46 -7.92
N GLY A 422 15.72 7.05 -7.00
CA GLY A 422 15.29 6.28 -5.84
C GLY A 422 16.00 6.73 -4.59
N THR A 423 15.28 6.70 -3.47
CA THR A 423 15.86 7.02 -2.17
C THR A 423 15.92 5.73 -1.36
N VAL A 424 17.09 5.41 -0.84
CA VAL A 424 17.27 4.16 -0.10
C VAL A 424 17.19 4.37 1.41
N PHE A 425 16.22 3.73 2.03
CA PHE A 425 16.03 3.82 3.48
C PHE A 425 16.47 2.54 4.17
N GLU A 426 16.50 2.58 5.50
CA GLU A 426 16.75 1.38 6.29
C GLU A 426 15.64 0.37 6.04
N ARG A 427 15.99 -0.92 6.02
CA ARG A 427 14.99 -1.96 5.82
C ARG A 427 13.89 -1.90 6.88
N PHE A 428 14.27 -1.50 8.09
CA PHE A 428 13.33 -1.44 9.22
C PHE A 428 12.15 -0.48 8.99
N SER A 429 12.32 0.49 8.10
CA SER A 429 11.25 1.44 7.80
C SER A 429 10.19 0.82 6.88
N TYR A 430 10.48 -0.38 6.40
CA TYR A 430 9.54 -1.12 5.56
C TYR A 430 8.81 -2.16 6.41
N GLN A 431 7.53 -1.92 6.72
CA GLN A 431 6.81 -2.75 7.69
C GLN A 431 5.45 -3.24 7.18
N PRO A 432 5.42 -3.89 6.01
CA PRO A 432 4.13 -4.35 5.48
C PRO A 432 3.56 -5.52 6.28
N VAL A 433 2.24 -5.61 6.34
CA VAL A 433 1.58 -6.79 6.88
C VAL A 433 1.00 -7.53 5.68
N LYS A 434 1.68 -8.57 5.22
CA LYS A 434 1.26 -9.22 3.98
C LYS A 434 1.17 -10.75 4.04
N ASN A 435 1.86 -11.37 5.00
CA ASN A 435 1.87 -12.83 5.10
C ASN A 435 1.07 -13.37 6.28
N SER A 436 0.47 -14.54 6.10
CA SER A 436 -0.18 -15.24 7.18
C SER A 436 0.88 -15.79 8.13
N LEU A 437 0.44 -16.20 9.32
CA LEU A 437 1.34 -16.76 10.32
C LEU A 437 2.06 -17.99 9.76
N GLU A 438 1.33 -18.84 9.05
CA GLU A 438 1.89 -20.04 8.42
C GLU A 438 2.98 -19.70 7.42
N GLU A 439 2.69 -18.76 6.52
N GLU A 439 2.70 -18.76 6.52
CA GLU A 439 3.68 -18.30 5.56
CA GLU A 439 3.69 -18.30 5.55
C GLU A 439 4.92 -17.73 6.26
C GLU A 439 4.91 -17.71 6.24
N ALA A 440 4.69 -16.87 7.25
CA ALA A 440 5.79 -16.26 7.98
C ALA A 440 6.71 -17.31 8.60
N ALA A 441 6.13 -18.35 9.17
CA ALA A 441 6.90 -19.45 9.76
C ALA A 441 7.81 -20.10 8.73
N GLY A 442 7.25 -20.36 7.55
CA GLY A 442 8.03 -20.95 6.47
C GLY A 442 9.11 -19.99 6.00
N LEU A 443 8.77 -18.71 5.93
CA LEU A 443 9.72 -17.70 5.48
C LEU A 443 10.88 -17.54 6.45
N VAL A 444 10.56 -17.52 7.74
CA VAL A 444 11.56 -17.34 8.78
C VAL A 444 12.55 -18.51 8.79
N ALA A 445 12.04 -19.70 8.49
CA ALA A 445 12.89 -20.90 8.42
C ALA A 445 13.91 -20.77 7.30
N GLN A 446 13.53 -20.12 6.22
CA GLN A 446 14.43 -19.88 5.09
C GLN A 446 15.35 -18.70 5.37
N GLY A 447 15.19 -18.06 6.51
CA GLY A 447 15.97 -16.89 6.86
C GLY A 447 15.42 -15.61 6.25
N ASN A 448 14.20 -15.68 5.74
CA ASN A 448 13.55 -14.51 5.15
C ASN A 448 12.68 -13.74 6.14
N GLY A 449 12.26 -12.54 5.76
CA GLY A 449 11.41 -11.71 6.58
C GLY A 449 9.98 -12.23 6.65
N ALA A 450 9.39 -12.18 7.84
CA ALA A 450 8.06 -12.72 8.06
C ALA A 450 6.98 -11.81 7.48
N TYR A 451 7.11 -10.52 7.71
CA TYR A 451 6.12 -9.54 7.24
C TYR A 451 4.69 -9.97 7.49
N CYS A 452 4.41 -10.37 8.73
CA CYS A 452 3.08 -10.81 9.14
C CYS A 452 2.52 -9.80 10.15
N ALA A 453 1.32 -10.05 10.66
CA ALA A 453 0.70 -9.12 11.60
C ALA A 453 1.51 -8.96 12.90
N ALA A 454 2.10 -10.07 13.36
CA ALA A 454 2.90 -10.05 14.58
C ALA A 454 4.12 -9.14 14.49
N THR A 455 4.87 -9.26 13.40
CA THR A 455 6.10 -8.49 13.23
C THR A 455 5.78 -7.07 12.80
N GLY A 456 4.63 -6.88 12.14
CA GLY A 456 4.14 -5.56 11.83
C GLY A 456 3.83 -4.76 13.09
N GLU A 457 3.08 -5.35 14.01
CA GLU A 457 2.76 -4.70 15.28
C GLU A 457 4.00 -4.47 16.12
N ALA A 458 4.86 -5.50 16.21
CA ALA A 458 6.09 -5.38 16.97
C ALA A 458 7.00 -4.28 16.42
N ALA A 459 7.12 -4.22 15.10
CA ALA A 459 7.93 -3.19 14.45
C ALA A 459 7.40 -1.78 14.69
N PHE A 460 6.08 -1.64 14.75
CA PHE A 460 5.51 -0.33 15.04
C PHE A 460 5.90 0.17 16.42
N TYR A 461 5.75 -0.67 17.44
CA TYR A 461 6.16 -0.29 18.80
C TYR A 461 7.65 0.04 18.84
N GLU A 462 8.47 -0.79 18.22
CA GLU A 462 9.92 -0.58 18.21
C GLU A 462 10.28 0.73 17.52
N LEU A 463 9.61 1.00 16.41
CA LEU A 463 9.79 2.26 15.69
C LEU A 463 9.57 3.48 16.59
N GLN A 464 8.49 3.47 17.38
CA GLN A 464 8.24 4.59 18.28
C GLN A 464 9.39 4.73 19.27
N ARG A 465 9.89 3.59 19.78
CA ARG A 465 10.97 3.63 20.76
C ARG A 465 12.27 4.17 20.16
N ARG A 466 12.59 3.77 18.93
CA ARG A 466 13.81 4.23 18.28
C ARG A 466 13.74 5.73 17.99
N ARG A 467 12.57 6.20 17.57
CA ARG A 467 12.37 7.61 17.31
C ARG A 467 12.49 8.43 18.59
N LEU A 468 11.93 7.91 19.68
CA LEU A 468 11.95 8.62 20.95
C LEU A 468 13.34 8.63 21.58
N LYS A 469 14.05 7.52 21.48
CA LYS A 469 15.41 7.49 22.00
C LYS A 469 16.28 8.51 21.27
N ALA A 470 15.96 8.76 20.00
CA ALA A 470 16.75 9.65 19.15
C ALA A 470 16.72 11.10 19.63
N ILE A 471 15.71 11.46 20.40
CA ILE A 471 15.60 12.80 20.95
C ILE A 471 16.03 12.84 22.42
N GLY A 472 16.51 11.70 22.93
CA GLY A 472 17.08 11.66 24.26
C GLY A 472 16.29 10.92 25.32
N LEU A 473 15.14 10.35 24.96
CA LEU A 473 14.36 9.60 25.94
C LEU A 473 15.12 8.34 26.35
N PRO A 474 15.43 8.21 27.65
CA PRO A 474 16.24 7.09 28.13
C PRO A 474 15.41 5.82 28.29
N LEU A 475 15.15 5.13 27.20
CA LEU A 475 14.41 3.87 27.26
C LEU A 475 15.37 2.70 27.36
N PHE A 476 15.31 1.98 28.49
CA PHE A 476 16.09 0.77 28.67
C PHE A 476 15.17 -0.44 28.63
N TYR A 477 15.40 -1.32 27.65
CA TYR A 477 14.59 -2.52 27.53
C TYR A 477 15.34 -3.66 26.87
N SER A 478 14.90 -4.87 27.20
CA SER A 478 15.50 -6.10 26.70
C SER A 478 15.20 -6.26 25.21
N SER A 479 16.12 -6.93 24.50
CA SER A 479 15.89 -7.24 23.10
C SER A 479 15.25 -8.63 22.92
N GLN A 480 15.07 -9.36 24.01
CA GLN A 480 14.50 -10.71 23.95
C GLN A 480 13.00 -10.69 23.63
N PRO A 481 12.51 -11.70 22.90
CA PRO A 481 11.09 -11.79 22.56
C PRO A 481 10.26 -12.08 23.79
N GLU A 482 9.01 -11.62 23.81
CA GLU A 482 8.18 -11.76 25.00
C GLU A 482 7.08 -12.77 24.77
N VAL A 483 6.87 -13.15 23.52
CA VAL A 483 5.88 -14.15 23.18
C VAL A 483 6.37 -14.88 21.94
N THR A 484 5.98 -16.14 21.80
CA THR A 484 6.33 -16.89 20.59
C THR A 484 5.05 -17.26 19.84
N VAL A 485 5.10 -17.15 18.52
CA VAL A 485 3.93 -17.41 17.70
C VAL A 485 4.22 -18.49 16.67
N ALA A 486 3.19 -18.90 15.95
CA ALA A 486 3.31 -19.89 14.90
C ALA A 486 3.99 -21.17 15.42
N LYS A 487 3.33 -21.84 16.35
CA LYS A 487 3.85 -23.07 16.96
C LYS A 487 5.31 -22.96 17.39
N ASP A 488 5.63 -21.89 18.11
CA ASP A 488 6.99 -21.71 18.63
C ASP A 488 8.03 -21.57 17.51
N ALA A 489 7.60 -21.06 16.37
CA ALA A 489 8.51 -20.87 15.23
C ALA A 489 9.41 -19.65 15.44
N PHE A 490 8.82 -18.55 15.90
CA PHE A 490 9.60 -17.36 16.18
C PHE A 490 8.93 -16.47 17.23
N GLY A 491 9.69 -15.55 17.79
CA GLY A 491 9.17 -14.67 18.82
C GLY A 491 9.19 -13.21 18.42
N VAL A 492 8.39 -12.41 19.12
CA VAL A 492 8.47 -10.97 19.00
C VAL A 492 8.37 -10.37 20.40
N ARG A 493 8.79 -9.12 20.55
CA ARG A 493 8.51 -8.42 21.79
C ARG A 493 7.66 -7.20 21.48
N LEU A 494 6.92 -6.73 22.47
CA LEU A 494 6.00 -5.62 22.26
C LEU A 494 6.36 -4.41 23.12
N PHE A 495 6.80 -4.69 24.34
CA PHE A 495 6.99 -3.67 25.36
C PHE A 495 8.42 -3.10 25.38
N PRO A 496 8.58 -1.83 25.83
CA PRO A 496 7.48 -0.97 26.29
C PRO A 496 6.64 -0.41 25.15
N ILE A 497 5.33 -0.34 25.37
CA ILE A 497 4.39 0.17 24.39
C ILE A 497 4.17 1.67 24.60
N ILE A 498 4.52 2.45 23.60
CA ILE A 498 4.34 3.90 23.65
C ILE A 498 3.70 4.37 22.37
N VAL A 499 2.46 4.84 22.46
CA VAL A 499 1.73 5.29 21.29
C VAL A 499 1.18 6.70 21.49
N LEU A 500 1.64 7.64 20.67
CA LEU A 500 1.20 9.04 20.74
C LEU A 500 0.32 9.33 19.54
N ASP A 501 -0.85 9.95 19.75
CA ASP A 501 -1.74 10.22 18.63
C ASP A 501 -1.29 11.45 17.84
N THR A 502 -1.99 11.78 16.75
CA THR A 502 -1.51 12.82 15.85
C THR A 502 -1.66 14.22 16.44
N VAL A 503 -2.56 14.38 17.39
CA VAL A 503 -2.68 15.68 18.06
C VAL A 503 -1.47 15.88 18.96
N CYS A 504 -1.07 14.80 19.65
CA CYS A 504 0.08 14.86 20.56
C CYS A 504 1.39 15.00 19.81
N ALA A 505 1.63 14.10 18.86
CA ALA A 505 2.92 13.98 18.18
C ALA A 505 2.99 14.78 16.89
N SER A 506 1.88 15.39 16.51
CA SER A 506 1.81 16.14 15.26
C SER A 506 2.28 15.27 14.09
N SER A 507 3.25 15.76 13.30
CA SER A 507 3.70 15.03 12.12
C SER A 507 4.57 13.82 12.47
N GLY A 508 5.06 13.76 13.70
CA GLY A 508 5.93 12.66 14.10
C GLY A 508 7.40 12.90 13.82
N SER A 509 7.75 14.09 13.33
CA SER A 509 9.17 14.43 13.16
C SER A 509 9.84 14.43 14.52
N LEU A 510 11.17 14.33 14.53
CA LEU A 510 11.91 14.35 15.79
C LEU A 510 11.69 15.65 16.57
N ASP A 511 11.68 16.77 15.84
CA ASP A 511 11.38 18.04 16.49
C ASP A 511 10.00 18.01 17.14
N ASP A 512 9.02 17.43 16.43
CA ASP A 512 7.66 17.30 16.98
C ASP A 512 7.63 16.40 18.21
N LEU A 513 8.41 15.33 18.20
CA LEU A 513 8.48 14.45 19.35
C LEU A 513 9.11 15.18 20.53
N ALA A 514 10.14 15.99 20.25
CA ALA A 514 10.82 16.75 21.29
C ALA A 514 9.89 17.76 21.99
N ARG A 515 8.83 18.16 21.31
CA ARG A 515 7.83 19.05 21.92
C ARG A 515 6.99 18.33 22.95
N VAL A 516 6.82 17.02 22.79
CA VAL A 516 6.11 16.24 23.79
C VAL A 516 6.99 15.97 25.00
N PHE A 517 8.29 15.75 24.74
CA PHE A 517 9.25 15.46 25.81
C PHE A 517 10.36 16.51 25.87
N PRO A 518 10.06 17.70 26.42
CA PRO A 518 11.01 18.82 26.37
C PRO A 518 12.22 18.62 27.28
N THR A 519 12.08 17.80 28.32
CA THR A 519 13.18 17.41 29.20
C THR A 519 13.20 15.89 29.38
N PRO A 520 13.57 15.17 28.31
CA PRO A 520 13.43 13.71 28.25
C PRO A 520 14.19 12.92 29.32
N GLU A 521 15.27 13.51 29.84
N GLU A 521 15.27 13.49 29.86
CA GLU A 521 16.08 12.88 30.88
CA GLU A 521 16.06 12.78 30.86
C GLU A 521 15.23 12.54 32.11
C GLU A 521 15.33 12.66 32.20
N LYS A 522 14.17 13.31 32.32
CA LYS A 522 13.35 13.17 33.52
C LYS A 522 12.16 12.23 33.30
N VAL A 523 12.13 11.56 32.15
CA VAL A 523 11.04 10.65 31.86
C VAL A 523 11.57 9.22 31.87
N HIS A 524 11.07 8.42 32.80
CA HIS A 524 11.58 7.08 33.01
C HIS A 524 10.49 6.03 32.82
N ILE A 525 10.46 5.45 31.63
CA ILE A 525 9.44 4.47 31.30
C ILE A 525 10.05 3.07 31.36
N ASP A 526 9.62 2.30 32.36
CA ASP A 526 10.14 0.94 32.54
C ASP A 526 9.79 0.07 31.33
N GLN A 527 10.64 -0.93 31.08
CA GLN A 527 10.51 -1.77 29.90
C GLN A 527 9.19 -2.53 29.78
N HIS A 528 8.44 -2.67 30.88
CA HIS A 528 7.19 -3.44 30.88
C HIS A 528 5.96 -2.54 30.81
N SER A 529 6.19 -1.24 30.66
CA SER A 529 5.11 -0.27 30.75
C SER A 529 4.35 -0.04 29.46
N THR A 530 3.21 0.65 29.59
CA THR A 530 2.40 1.08 28.46
C THR A 530 2.07 2.54 28.65
N LEU A 531 2.44 3.37 27.67
CA LEU A 531 2.12 4.78 27.72
C LEU A 531 1.30 5.17 26.49
N ILE A 532 0.05 5.59 26.72
CA ILE A 532 -0.82 6.02 25.63
C ILE A 532 -1.16 7.50 25.80
N VAL A 533 -0.84 8.29 24.79
CA VAL A 533 -1.03 9.74 24.88
C VAL A 533 -1.93 10.26 23.78
N GLU A 534 -2.97 10.98 24.17
CA GLU A 534 -3.95 11.48 23.23
C GLU A 534 -4.16 12.97 23.45
N GLY A 535 -4.22 13.74 22.37
CA GLY A 535 -4.48 15.16 22.45
C GLY A 535 -3.24 15.97 22.78
N ARG A 536 -3.46 17.25 23.09
CA ARG A 536 -2.37 18.19 23.36
C ARG A 536 -1.75 17.96 24.72
N VAL A 537 -0.71 17.14 24.75
CA VAL A 537 -0.04 16.77 25.99
C VAL A 537 1.46 17.05 25.90
N ILE A 538 2.01 17.57 26.99
CA ILE A 538 3.46 17.72 27.14
C ILE A 538 3.85 16.96 28.40
N ILE A 539 4.80 16.03 28.27
CA ILE A 539 5.26 15.29 29.43
C ILE A 539 6.67 15.73 29.84
N GLU A 540 6.74 16.49 30.92
CA GLU A 540 8.01 17.02 31.41
C GLU A 540 8.76 16.00 32.28
N SER A 541 8.05 15.37 33.19
CA SER A 541 8.67 14.40 34.09
C SER A 541 7.68 13.33 34.48
N LEU A 542 8.13 12.08 34.43
CA LEU A 542 7.26 10.94 34.67
C LEU A 542 8.09 9.73 35.07
N GLU A 543 7.61 9.01 36.07
CA GLU A 543 8.13 7.70 36.39
C GLU A 543 6.97 6.72 36.22
N LEU A 544 7.11 5.81 35.25
CA LEU A 544 6.02 4.89 34.90
C LEU A 544 6.43 3.42 35.01
N TYR A 545 5.76 2.71 35.92
CA TYR A 545 5.90 1.26 36.07
C TYR A 545 4.50 0.66 35.98
N GLY A 546 3.99 0.54 34.76
CA GLY A 546 2.62 0.10 34.57
C GLY A 546 2.03 0.73 33.33
N ALA A 547 0.71 0.81 33.26
CA ALA A 547 0.03 1.37 32.10
C ALA A 547 -0.61 2.70 32.43
N LEU A 548 -0.46 3.65 31.54
CA LEU A 548 -0.98 4.99 31.76
C LEU A 548 -1.51 5.56 30.46
N THR A 549 -2.67 6.19 30.53
CA THR A 549 -3.20 6.97 29.42
C THR A 549 -3.29 8.43 29.84
N ILE A 550 -2.65 9.30 29.06
CA ILE A 550 -2.76 10.73 29.33
C ILE A 550 -3.55 11.39 28.22
N ARG A 551 -4.59 12.12 28.59
CA ARG A 551 -5.42 12.79 27.59
C ARG A 551 -5.36 14.30 27.74
N GLY A 552 -5.24 14.98 26.61
CA GLY A 552 -5.28 16.43 26.59
C GLY A 552 -6.33 16.87 25.59
N PRO A 553 -6.45 18.19 25.38
CA PRO A 553 -7.42 18.77 24.44
C PRO A 553 -7.29 18.16 23.04
N THR A 554 -8.42 17.91 22.39
CA THR A 554 -8.43 17.37 21.04
C THR A 554 -8.08 18.45 20.02
N ASP A 555 -8.22 19.70 20.44
CA ASP A 555 -7.86 20.83 19.59
C ASP A 555 -6.34 21.04 19.60
N SER A 556 -5.72 20.93 18.43
CA SER A 556 -4.28 21.10 18.31
C SER A 556 -3.82 22.48 18.75
N MET A 557 -4.75 23.44 18.81
CA MET A 557 -4.41 24.81 19.13
C MET A 557 -4.74 25.20 20.57
N ALA A 558 -5.21 24.23 21.35
CA ALA A 558 -5.60 24.53 22.73
C ALA A 558 -4.39 24.50 23.67
N LEU A 559 -4.62 24.92 24.92
CA LEU A 559 -3.57 24.92 25.93
C LEU A 559 -3.23 23.50 26.36
N PRO A 560 -1.95 23.13 26.27
CA PRO A 560 -1.55 21.73 26.51
C PRO A 560 -1.79 21.27 27.94
N HIS A 561 -2.12 19.99 28.10
CA HIS A 561 -2.10 19.37 29.41
C HIS A 561 -0.66 18.99 29.74
N VAL A 562 -0.11 19.62 30.77
CA VAL A 562 1.29 19.42 31.13
C VAL A 562 1.44 18.47 32.31
N VAL A 563 2.26 17.44 32.13
CA VAL A 563 2.50 16.46 33.18
C VAL A 563 3.89 16.67 33.81
N ARG A 564 3.91 16.86 35.12
CA ARG A 564 5.15 17.07 35.86
C ARG A 564 5.15 16.23 37.13
N ASN A 565 6.33 15.71 37.49
CA ASN A 565 6.51 14.95 38.72
C ASN A 565 5.53 13.79 38.88
N ALA A 566 5.07 13.24 37.76
CA ALA A 566 4.12 12.14 37.81
C ALA A 566 4.82 10.83 38.18
N VAL A 567 4.17 10.05 39.04
CA VAL A 567 4.65 8.72 39.42
C VAL A 567 3.47 7.77 39.34
N VAL A 568 3.56 6.79 38.45
CA VAL A 568 2.46 5.85 38.24
C VAL A 568 2.95 4.41 38.33
N ARG A 569 2.34 3.64 39.22
CA ARG A 569 2.66 2.23 39.39
C ARG A 569 1.38 1.42 39.45
N ASN A 570 1.29 0.41 38.59
CA ASN A 570 0.15 -0.51 38.61
C ASN A 570 0.54 -1.79 37.88
N ALA A 571 -0.41 -2.72 37.77
CA ALA A 571 -0.12 -4.04 37.19
C ALA A 571 0.15 -3.97 35.69
N GLY A 572 -0.28 -2.88 35.07
CA GLY A 572 -0.03 -2.66 33.65
C GLY A 572 -0.62 -3.73 32.76
N TRP A 573 0.02 -3.93 31.61
CA TRP A 573 -0.45 -4.89 30.62
C TRP A 573 0.51 -6.07 30.52
N SER A 574 0.04 -7.15 29.91
CA SER A 574 0.90 -8.28 29.59
C SER A 574 0.53 -8.80 28.22
N VAL A 575 1.30 -9.75 27.71
CA VAL A 575 1.01 -10.37 26.42
C VAL A 575 1.24 -11.87 26.55
N HIS A 576 0.41 -12.66 25.88
CA HIS A 576 0.65 -14.10 25.85
C HIS A 576 0.16 -14.71 24.53
N ALA A 577 0.72 -15.86 24.20
CA ALA A 577 0.40 -16.53 22.95
C ALA A 577 -0.99 -17.14 22.96
N ILE A 578 -1.63 -17.18 21.78
CA ILE A 578 -2.88 -17.92 21.65
C ILE A 578 -2.57 -19.41 21.65
N LEU A 579 -3.18 -20.17 22.55
CA LEU A 579 -2.85 -21.59 22.69
C LEU A 579 -3.41 -22.42 21.53
N SER A 580 -2.70 -23.50 21.19
CA SER A 580 -3.08 -24.36 20.07
C SER A 580 -4.45 -25.00 20.27
N LEU A 581 -4.88 -25.09 21.52
CA LEU A 581 -6.16 -25.70 21.86
C LEU A 581 -7.25 -24.65 21.70
N CYS A 582 -7.61 -24.37 20.45
CA CYS A 582 -8.39 -23.18 20.12
C CYS A 582 -9.86 -23.42 19.73
N ALA A 583 -10.24 -24.68 19.59
CA ALA A 583 -11.64 -24.98 19.33
C ALA A 583 -12.47 -24.47 20.50
N GLY A 584 -13.77 -24.27 20.28
CA GLY A 584 -14.65 -23.83 21.34
C GLY A 584 -16.03 -23.40 20.92
N ARG A 585 -17.00 -23.65 21.80
CA ARG A 585 -18.34 -23.10 21.63
C ARG A 585 -18.16 -21.61 21.43
N ASP A 586 -17.28 -21.04 22.23
CA ASP A 586 -16.98 -19.62 22.18
C ASP A 586 -15.55 -19.29 22.58
N SER A 587 -15.20 -18.04 22.35
CA SER A 587 -13.93 -17.45 22.70
C SER A 587 -14.16 -16.05 22.18
N ARG A 588 -13.45 -15.06 22.71
CA ARG A 588 -13.60 -13.73 22.14
C ARG A 588 -12.41 -13.42 21.25
N LEU A 589 -11.69 -14.46 20.87
CA LEU A 589 -10.63 -14.32 19.88
C LEU A 589 -11.26 -14.02 18.53
N SER A 590 -10.78 -12.98 17.89
CA SER A 590 -11.23 -12.60 16.56
C SER A 590 -10.14 -12.97 15.58
N GLU A 591 -10.45 -12.87 14.29
CA GLU A 591 -9.44 -13.00 13.26
C GLU A 591 -8.27 -12.07 13.51
N VAL A 592 -8.55 -10.85 13.96
CA VAL A 592 -7.48 -9.89 14.27
C VAL A 592 -6.47 -10.46 15.27
N ASP A 593 -6.96 -11.16 16.28
CA ASP A 593 -6.09 -11.81 17.24
C ASP A 593 -5.37 -12.99 16.60
N ARG A 594 -6.13 -13.88 15.98
CA ARG A 594 -5.55 -15.10 15.41
C ARG A 594 -4.44 -14.86 14.39
N ILE A 595 -4.52 -13.79 13.63
CA ILE A 595 -3.53 -13.57 12.57
C ILE A 595 -2.17 -13.09 13.12
N ARG A 596 -2.13 -12.66 14.38
CA ARG A 596 -0.86 -12.32 15.00
C ARG A 596 -0.39 -13.35 16.05
N GLY A 597 -1.30 -14.18 16.52
CA GLY A 597 -0.92 -15.32 17.37
C GLY A 597 -0.75 -14.99 18.85
N PHE A 598 -1.09 -13.78 19.24
CA PHE A 598 -1.01 -13.39 20.65
C PHE A 598 -2.12 -12.42 21.00
N VAL A 599 -2.29 -12.18 22.29
CA VAL A 599 -3.27 -11.19 22.75
C VAL A 599 -2.70 -10.37 23.88
N LEU A 600 -2.89 -9.06 23.82
CA LEU A 600 -2.57 -8.19 24.94
C LEU A 600 -3.63 -8.36 26.00
N LYS A 601 -3.21 -8.52 27.25
CA LYS A 601 -4.14 -8.47 28.37
C LYS A 601 -4.01 -7.09 29.02
N LYS A 602 -5.06 -6.29 28.88
CA LYS A 602 -5.03 -4.91 29.35
C LYS A 602 -5.57 -4.84 30.77
N THR A 603 -4.81 -5.42 31.68
CA THR A 603 -5.24 -5.66 33.06
C THR A 603 -5.56 -4.38 33.84
N ALA A 604 -4.63 -3.43 33.86
CA ALA A 604 -4.85 -2.20 34.60
C ALA A 604 -4.46 -0.98 33.77
N MET A 605 -4.92 0.18 34.20
CA MET A 605 -4.65 1.39 33.43
C MET A 605 -5.00 2.62 34.23
N ALA A 606 -4.01 3.47 34.49
CA ALA A 606 -4.26 4.75 35.10
C ALA A 606 -4.64 5.73 33.99
N VAL A 607 -5.54 6.65 34.30
CA VAL A 607 -5.91 7.69 33.34
C VAL A 607 -5.70 9.07 33.95
N MET A 608 -4.97 9.91 33.24
CA MET A 608 -4.85 11.32 33.60
C MET A 608 -5.53 12.15 32.52
N ASP A 609 -6.72 12.67 32.83
CA ASP A 609 -7.50 13.44 31.87
C ASP A 609 -7.26 14.94 31.97
N CYS A 610 -8.13 15.71 31.30
CA CYS A 610 -8.09 17.18 31.22
C CYS A 610 -7.55 17.68 29.87
N1 UAD B . -4.19 -3.05 -5.25
C2 UAD B . -5.31 -2.39 -5.90
O2 UAD B . -5.64 -1.30 -5.49
N3 UAD B . -6.00 -3.02 -6.98
C4 UAD B . -5.60 -4.22 -7.39
O4 UAD B . -6.31 -4.72 -8.43
C5 UAD B . -4.50 -4.92 -6.78
C6 UAD B . -3.85 -4.30 -5.75
PA UAD B . -0.07 -6.16 -3.34
PB UAD B . 2.13 -6.26 -5.38
O01 UAD B . 0.47 -5.90 -1.89
O02 UAD B . 1.21 -6.72 -4.15
C1A UAD B . 4.25 -4.75 -4.94
O1A UAD B . -1.07 -7.25 -3.37
O1B UAD B . 1.40 -6.32 -6.66
C1C UAD B . -3.36 -2.52 -4.10
C2A UAD B . 4.99 -3.87 -5.97
O2A UAD B . 4.58 -4.06 -7.29
O2B UAD B . 3.31 -7.30 -5.25
C2C UAD B . -3.39 -3.18 -2.69
O2C UAD B . -4.56 -2.92 -1.99
C3A UAD B . 6.48 -4.26 -5.69
O3A UAD B . 7.29 -3.63 -6.63
O3B UAD B . 2.88 -4.84 -5.13
C3C UAD B . -2.06 -2.66 -2.02
O3C UAD B . -2.25 -1.59 -1.16
C4A UAD B . 6.84 -3.83 -4.23
O4A UAD B . 6.93 -2.42 -4.19
C4C UAD B . -1.12 -2.37 -3.25
O4C UAD B . -2.00 -2.25 -4.37
O5A UAD B . 4.41 -4.19 -3.66
C5C UAD B . -0.03 -3.48 -3.50
O5C UAD B . -0.69 -4.71 -3.79
C5M UAD B . 5.75 -4.31 -3.21
C1 GOL C . -18.39 -4.51 -12.25
O1 GOL C . -18.67 -5.81 -12.73
C2 GOL C . -17.01 -4.08 -12.74
O2 GOL C . -16.06 -4.26 -11.72
C3 GOL C . -17.05 -2.61 -13.17
O3 GOL C . -17.45 -1.81 -12.08
C1 GOL D . -4.63 -10.37 34.90
O1 GOL D . -4.36 -11.49 35.72
C2 GOL D . -5.30 -10.81 33.62
O2 GOL D . -6.26 -11.80 33.91
C3 GOL D . -5.98 -9.62 32.93
O3 GOL D . -7.36 -9.84 32.85
#